data_6E53
#
_entry.id   6E53
#
_cell.length_a   80.020
_cell.length_b   52.100
_cell.length_c   100.480
_cell.angle_alpha   90.00
_cell.angle_beta   98.45
_cell.angle_gamma   90.00
#
_symmetry.space_group_name_H-M   'P 1 21 1'
#
loop_
_entity.id
_entity.type
_entity.pdbx_description
1 polymer 'Telomerase reverse transcriptase'
2 polymer 'RNA/DNA hairpin'
3 non-polymer 'MAGNESIUM ION'
4 non-polymer 'methyl 1-{2-deoxy-5-O-[(S)-hydroxy{[(S)-hydroxy(phosphonooxy)phosphoryl]oxy}phosphoryl]-alpha-D-erythro-pentofuranosyl}-1H-indole-5-carboxylate'
#
loop_
_entity_poly.entity_id
_entity_poly.type
_entity_poly.pdbx_seq_one_letter_code
_entity_poly.pdbx_strand_id
1 'polypeptide(L)'
;MVHYYRLSLKSRQKAPKIVNSKYNSILNIALKNFRLCKKHKTKKPVQILALLQEIIPKSYFGTTTNLKRFYKVVEKILTQ
SSFECIHLSVLHKCYDYDAIPWLQNVEPNLRPKLLLKHNLFLLDNIVKPIIAFYYKPIKTLNGHEIKFIRKEEYISFESK
VFHKLKKMKYLVEVQDEVKPRGVLNIIPKQDNFRAIVSIFPDSARKPFFKLLTSKIYKVLEEKYKTSGSLYTCWSEFTQK
TQGQIYGIKVDIRDAYGNVKIPVLCKLIQSIPTHLLDSEKKNFIVDHISNQFVAFRRKIYKWNHGLLQGDPLSGCLCELY
MAFMDRLYFSNLDKDAFIHRTVDDYFFCSPHPHKVYDFELLIKGVYQVNPTKTRTNLPTHRHPQDEIPYCGKIFNLTTRQ
VRTLYKLPPNYEIRHKFKLWNFNNQISDDNPARFLQKAMDFPFICNSFTKFEFNTVFNDQRTVFANFYDAMICVAYKFDA
AMMALRTSFLVNDFGFIWLVLSSTVRAYASRAFKKIVTYKGGKYRKVTFQCLKSIAWRAFLAVLKRRTEIYKGLIDRIKS
REKLTMKFHDGEVDASYFCKLPEKFRFVKINRKASI
;
A
2 'polydeoxyribonucleotide/polyribonucleotide hybrid' CUGACCUGAC(DT)(DT)(DC)(DG)(DG)(DT)(DC)(DA)(DG)(DG)(DT)(DC)(DA) E
#
# COMPACT_ATOMS: atom_id res chain seq x y z
N MET A 1 2.30 27.81 -8.33
CA MET A 1 2.67 27.04 -7.16
C MET A 1 2.46 25.55 -7.39
N VAL A 2 2.20 25.18 -8.65
CA VAL A 2 2.18 23.79 -9.06
C VAL A 2 3.50 23.50 -9.76
N HIS A 3 4.29 22.60 -9.18
CA HIS A 3 5.57 22.20 -9.74
C HIS A 3 5.52 20.82 -10.36
N TYR A 4 4.64 19.95 -9.87
CA TYR A 4 4.55 18.57 -10.33
C TYR A 4 3.56 18.42 -11.49
N TYR A 5 3.57 17.23 -12.07
CA TYR A 5 2.59 16.74 -13.04
C TYR A 5 2.38 15.28 -12.71
N ARG A 6 1.14 14.87 -12.47
CA ARG A 6 0.89 13.54 -11.93
C ARG A 6 0.70 12.53 -13.05
N LEU A 7 1.23 11.33 -12.84
CA LEU A 7 1.26 10.31 -13.87
C LEU A 7 -0.08 9.60 -14.05
N SER A 8 -1.02 9.83 -13.13
CA SER A 8 -2.32 9.17 -13.19
C SER A 8 -3.01 9.45 -14.52
N LEU A 9 -3.89 8.52 -14.90
CA LEU A 9 -4.56 8.60 -16.19
C LEU A 9 -5.73 9.59 -16.17
N LYS A 10 -6.31 9.85 -15.01
CA LYS A 10 -7.41 10.81 -14.94
C LYS A 10 -6.96 12.21 -15.32
N SER A 11 -5.66 12.48 -15.27
CA SER A 11 -5.11 13.77 -15.66
C SER A 11 -5.44 14.10 -17.11
N ARG A 12 -5.90 13.09 -17.85
CA ARG A 12 -6.16 13.22 -19.28
C ARG A 12 -7.32 14.19 -19.54
N GLN A 13 -7.26 14.83 -20.70
CA GLN A 13 -8.35 15.64 -21.23
C GLN A 13 -8.82 15.04 -22.54
N LYS A 14 -10.04 15.41 -22.93
CA LYS A 14 -10.64 14.86 -24.13
C LYS A 14 -9.91 15.35 -25.38
N ALA A 15 -9.47 14.41 -26.21
CA ALA A 15 -8.71 14.70 -27.42
C ALA A 15 -9.52 15.59 -28.35
N PRO A 16 -9.12 16.85 -28.53
CA PRO A 16 -9.83 17.73 -29.48
C PRO A 16 -9.61 17.24 -30.90
N LYS A 17 -10.56 17.55 -31.77
CA LYS A 17 -10.49 16.95 -33.10
C LYS A 17 -9.49 17.66 -34.00
N ILE A 18 -9.19 18.94 -33.76
CA ILE A 18 -8.00 19.58 -34.31
C ILE A 18 -7.60 20.74 -33.39
N VAL A 19 -6.27 20.90 -33.18
CA VAL A 19 -5.74 21.91 -32.28
C VAL A 19 -5.99 23.29 -32.87
N ASN A 20 -6.00 24.31 -32.01
CA ASN A 20 -6.41 25.65 -32.41
C ASN A 20 -5.20 26.58 -32.54
N SER A 21 -5.51 27.89 -32.61
CA SER A 21 -4.54 28.91 -33.03
C SER A 21 -3.30 28.90 -32.15
N LYS A 22 -3.49 28.81 -30.83
CA LYS A 22 -2.38 28.83 -29.88
C LYS A 22 -1.31 27.81 -30.26
N TYR A 23 -1.72 26.58 -30.49
CA TYR A 23 -0.80 25.48 -30.67
C TYR A 23 -0.26 25.42 -32.09
N ASN A 24 1.02 25.11 -32.19
CA ASN A 24 1.62 24.69 -33.45
C ASN A 24 0.89 23.47 -33.99
N SER A 25 0.67 23.44 -35.30
CA SER A 25 -0.05 22.35 -35.95
C SER A 25 0.85 21.20 -36.38
N ILE A 26 2.11 21.20 -35.96
CA ILE A 26 2.96 20.04 -36.20
C ILE A 26 2.39 18.81 -35.50
N LEU A 27 1.77 19.01 -34.33
CA LEU A 27 1.26 17.90 -33.54
C LEU A 27 -0.09 17.39 -34.01
N ASN A 28 -0.73 18.05 -34.95
CA ASN A 28 -1.99 17.55 -35.46
C ASN A 28 -1.78 16.40 -36.44
N ILE A 29 -0.57 16.27 -36.99
CA ILE A 29 -0.15 15.00 -37.57
C ILE A 29 -0.38 13.88 -36.56
N ALA A 30 0.12 14.07 -35.33
CA ALA A 30 -0.04 13.06 -34.29
C ALA A 30 -1.49 12.96 -33.82
N LEU A 31 -2.24 14.06 -33.83
CA LEU A 31 -3.65 13.99 -33.47
C LEU A 31 -4.44 13.18 -34.50
N LYS A 32 -4.14 13.39 -35.79
CA LYS A 32 -4.62 12.52 -36.85
C LYS A 32 -4.25 11.06 -36.58
N ASN A 33 -3.00 10.82 -36.20
CA ASN A 33 -2.51 9.45 -36.06
C ASN A 33 -3.16 8.74 -34.87
N PHE A 34 -3.46 9.48 -33.80
CA PHE A 34 -4.19 8.91 -32.67
C PHE A 34 -5.52 8.31 -33.11
N ARG A 35 -6.22 9.00 -34.02
CA ARG A 35 -7.46 8.46 -34.60
C ARG A 35 -7.17 7.29 -35.54
N LEU A 36 -6.15 7.43 -36.40
CA LEU A 36 -5.83 6.37 -37.36
C LEU A 36 -5.45 5.07 -36.65
N CYS A 37 -4.84 5.15 -35.48
CA CYS A 37 -4.52 3.96 -34.71
C CYS A 37 -5.68 3.47 -33.85
N LYS A 38 -6.49 4.39 -33.28
CA LYS A 38 -7.63 3.98 -32.47
C LYS A 38 -8.70 3.31 -33.32
N LYS A 39 -8.66 3.53 -34.63
CA LYS A 39 -9.55 2.79 -35.51
C LYS A 39 -8.83 1.48 -35.87
N HIS A 40 -8.02 0.97 -34.96
CA HIS A 40 -7.43 -0.35 -35.14
C HIS A 40 -7.82 -1.27 -33.99
N LYS A 41 -7.83 -2.56 -34.30
CA LYS A 41 -8.21 -3.63 -33.38
C LYS A 41 -7.15 -4.71 -33.44
N THR A 42 -6.56 -5.04 -32.29
CA THR A 42 -5.63 -6.15 -32.19
C THR A 42 -5.98 -6.96 -30.96
N LYS A 43 -5.56 -8.23 -30.94
CA LYS A 43 -5.90 -9.10 -29.83
C LYS A 43 -4.70 -9.71 -29.10
N LYS A 44 -3.46 -9.54 -29.60
CA LYS A 44 -2.34 -10.02 -28.80
C LYS A 44 -1.07 -9.16 -28.82
N PRO A 45 -0.31 -9.06 -29.94
CA PRO A 45 1.02 -8.43 -29.81
C PRO A 45 1.00 -6.91 -29.78
N VAL A 46 1.17 -6.37 -28.59
CA VAL A 46 1.17 -4.93 -28.35
C VAL A 46 2.24 -4.46 -27.37
N GLN A 47 3.00 -3.47 -27.82
CA GLN A 47 4.06 -2.82 -27.11
C GLN A 47 3.39 -1.46 -27.10
N ILE A 48 3.56 -0.71 -26.03
CA ILE A 48 2.91 0.59 -25.92
C ILE A 48 3.82 1.69 -26.45
N LEU A 49 5.06 1.66 -26.01
CA LEU A 49 6.07 2.63 -26.42
C LEU A 49 6.29 2.63 -27.95
N ALA A 50 6.39 1.42 -28.51
CA ALA A 50 6.66 1.28 -29.94
C ALA A 50 5.58 1.98 -30.78
N LEU A 51 4.31 1.77 -30.44
CA LEU A 51 3.22 2.34 -31.22
C LEU A 51 3.09 3.84 -31.00
N LEU A 52 3.32 4.30 -29.77
CA LEU A 52 3.35 5.74 -29.57
C LEU A 52 4.40 6.39 -30.45
N GLN A 53 5.58 5.74 -30.56
CA GLN A 53 6.62 6.24 -31.46
C GLN A 53 6.12 6.49 -32.89
N GLU A 54 5.06 5.82 -33.31
CA GLU A 54 4.49 6.04 -34.63
C GLU A 54 3.37 7.06 -34.64
N ILE A 55 2.58 7.15 -33.57
CA ILE A 55 1.59 8.24 -33.52
C ILE A 55 2.30 9.59 -33.52
N ILE A 56 3.29 9.77 -32.65
CA ILE A 56 3.99 11.05 -32.65
C ILE A 56 5.14 10.97 -33.64
N PRO A 57 5.17 11.82 -34.66
CA PRO A 57 6.28 11.75 -35.62
C PRO A 57 7.58 12.18 -34.96
N LYS A 58 8.66 11.49 -35.37
CA LYS A 58 9.99 11.89 -34.90
C LYS A 58 10.23 13.37 -35.20
N SER A 59 9.52 13.91 -36.19
CA SER A 59 9.70 15.29 -36.59
C SER A 59 9.30 16.27 -35.50
N TYR A 60 8.51 15.83 -34.52
CA TYR A 60 8.19 16.69 -33.38
C TYR A 60 9.43 16.94 -32.52
N PHE A 61 10.40 16.03 -32.56
CA PHE A 61 11.59 16.08 -31.73
C PHE A 61 12.86 16.34 -32.52
N GLY A 62 12.92 15.87 -33.77
CA GLY A 62 13.98 16.24 -34.68
C GLY A 62 15.29 15.53 -34.43
N THR A 63 15.49 15.04 -33.21
CA THR A 63 16.75 14.39 -32.84
C THR A 63 16.45 13.16 -31.99
N THR A 64 17.52 12.43 -31.67
CA THR A 64 17.43 11.18 -30.94
C THR A 64 17.61 11.36 -29.43
N THR A 65 18.00 12.55 -28.98
CA THR A 65 18.18 12.81 -27.56
C THR A 65 16.90 13.32 -26.91
N ASN A 66 16.27 14.33 -27.52
CA ASN A 66 15.00 14.85 -27.00
C ASN A 66 13.95 13.76 -26.93
N LEU A 67 13.93 12.88 -27.94
CA LEU A 67 12.91 11.84 -27.98
C LEU A 67 13.09 10.86 -26.80
N LYS A 68 14.32 10.47 -26.48
CA LYS A 68 14.50 9.58 -25.33
C LYS A 68 14.21 10.31 -24.02
N ARG A 69 14.46 11.63 -23.98
CA ARG A 69 14.07 12.40 -22.79
C ARG A 69 12.55 12.41 -22.58
N PHE A 70 11.81 12.37 -23.68
CA PHE A 70 10.35 12.23 -23.65
C PHE A 70 9.93 10.81 -23.27
N TYR A 71 10.68 9.83 -23.74
CA TYR A 71 10.24 8.48 -23.48
C TYR A 71 10.60 7.99 -22.10
N LYS A 72 11.49 8.71 -21.42
CA LYS A 72 11.65 8.49 -19.98
C LYS A 72 10.34 8.75 -19.25
N VAL A 73 9.66 9.86 -19.55
CA VAL A 73 8.43 10.13 -18.80
C VAL A 73 7.30 9.23 -19.27
N VAL A 74 7.25 8.86 -20.54
CA VAL A 74 6.19 7.89 -20.89
C VAL A 74 6.47 6.53 -20.23
N GLU A 75 7.75 6.14 -20.06
CA GLU A 75 8.08 4.93 -19.32
C GLU A 75 7.62 5.03 -17.87
N LYS A 76 7.90 6.15 -17.22
CA LYS A 76 7.45 6.36 -15.85
C LYS A 76 5.93 6.25 -15.75
N ILE A 77 5.21 6.75 -16.77
CA ILE A 77 3.76 6.54 -16.79
C ILE A 77 3.44 5.06 -16.82
N LEU A 78 4.12 4.32 -17.70
CA LEU A 78 3.85 2.88 -17.84
C LEU A 78 4.09 2.12 -16.54
N THR A 79 5.05 2.57 -15.73
CA THR A 79 5.43 1.86 -14.51
C THR A 79 4.99 2.60 -13.25
N GLN A 80 3.94 3.40 -13.33
CA GLN A 80 3.60 4.34 -12.26
C GLN A 80 3.14 3.62 -11.00
N SER A 81 3.37 4.27 -9.87
CA SER A 81 2.67 3.99 -8.63
C SER A 81 1.62 5.07 -8.44
N SER A 82 0.56 4.76 -7.69
CA SER A 82 -0.47 5.76 -7.44
C SER A 82 0.11 6.94 -6.68
N PHE A 83 -0.45 8.12 -6.93
CA PHE A 83 0.04 9.40 -6.38
C PHE A 83 1.54 9.56 -6.58
N GLU A 84 2.00 9.30 -7.80
CA GLU A 84 3.40 9.52 -8.14
C GLU A 84 3.47 10.52 -9.29
N CYS A 85 4.38 11.48 -9.15
CA CYS A 85 4.44 12.59 -10.07
C CYS A 85 5.83 12.72 -10.69
N ILE A 86 5.92 13.64 -11.64
CA ILE A 86 7.18 14.08 -12.22
C ILE A 86 7.17 15.60 -12.12
N HIS A 87 8.32 16.22 -12.28
CA HIS A 87 8.31 17.68 -12.31
C HIS A 87 7.92 18.12 -13.72
N LEU A 88 7.06 19.13 -13.80
CA LEU A 88 6.77 19.77 -15.08
C LEU A 88 8.09 20.16 -15.73
N SER A 89 9.09 20.43 -14.88
CA SER A 89 10.49 20.62 -15.26
C SER A 89 10.92 19.67 -16.37
N VAL A 90 10.75 18.36 -16.16
CA VAL A 90 11.28 17.35 -17.08
C VAL A 90 10.73 17.49 -18.50
N LEU A 91 9.66 18.25 -18.71
CA LEU A 91 9.10 18.43 -20.03
C LEU A 91 9.68 19.63 -20.77
N HIS A 92 10.64 20.33 -20.18
CA HIS A 92 11.38 21.38 -20.88
C HIS A 92 12.84 21.47 -20.48
N LYS A 93 13.32 20.64 -19.54
CA LYS A 93 14.67 20.79 -19.01
C LYS A 93 15.71 20.16 -19.94
N CYS A 94 16.79 20.89 -20.19
CA CYS A 94 17.93 20.44 -20.98
C CYS A 94 17.50 19.76 -22.27
N TYR A 95 16.65 20.45 -23.02
CA TYR A 95 16.34 20.09 -24.40
C TYR A 95 17.30 20.81 -25.34
N ASP A 96 17.55 20.21 -26.51
CA ASP A 96 18.17 20.93 -27.60
C ASP A 96 17.09 21.71 -28.32
N TYR A 97 17.15 23.04 -28.25
CA TYR A 97 16.01 23.86 -28.68
C TYR A 97 16.06 24.23 -30.17
N ASP A 98 17.23 24.41 -30.76
CA ASP A 98 17.25 24.71 -32.20
C ASP A 98 17.36 23.46 -33.05
N ALA A 99 17.27 22.27 -32.45
CA ALA A 99 17.20 21.03 -33.21
C ALA A 99 15.76 20.63 -33.53
N ILE A 100 14.78 21.13 -32.81
CA ILE A 100 13.39 20.92 -33.20
C ILE A 100 13.12 21.86 -34.37
N PRO A 101 12.34 21.45 -35.37
CA PRO A 101 12.09 22.33 -36.51
C PRO A 101 11.08 23.43 -36.22
N TRP A 102 10.28 23.32 -35.17
CA TRP A 102 9.05 24.09 -35.08
C TRP A 102 9.03 25.17 -34.00
N LEU A 103 10.08 25.29 -33.20
CA LEU A 103 10.31 26.51 -32.43
C LEU A 103 11.48 27.28 -32.99
N GLN A 104 12.09 26.79 -34.07
CA GLN A 104 13.14 27.52 -34.78
C GLN A 104 12.64 28.86 -35.30
N ASN A 105 11.32 29.06 -35.34
CA ASN A 105 10.71 30.28 -35.87
C ASN A 105 9.94 31.04 -34.79
N VAL A 106 10.19 30.74 -33.53
CA VAL A 106 9.54 31.41 -32.41
C VAL A 106 10.65 32.10 -31.60
N GLU A 107 10.24 33.00 -30.70
CA GLU A 107 11.19 33.74 -29.89
C GLU A 107 12.20 32.80 -29.24
N PRO A 108 13.50 33.10 -29.32
CA PRO A 108 14.51 32.16 -28.81
C PRO A 108 14.38 31.90 -27.32
N ASN A 109 13.80 32.85 -26.58
CA ASN A 109 13.79 32.79 -25.13
C ASN A 109 12.42 32.45 -24.56
N LEU A 110 11.41 32.34 -25.40
CA LEU A 110 10.05 31.99 -24.99
C LEU A 110 9.73 30.53 -25.24
N ARG A 111 10.69 29.76 -25.74
CA ARG A 111 10.55 28.36 -26.10
C ARG A 111 10.26 27.43 -24.93
N PRO A 112 10.88 27.62 -23.72
CA PRO A 112 10.64 26.67 -22.62
C PRO A 112 9.17 26.40 -22.32
N LYS A 113 8.40 27.45 -22.02
CA LYS A 113 7.08 27.22 -21.44
C LYS A 113 6.06 26.75 -22.47
N LEU A 114 6.18 27.17 -23.73
CA LEU A 114 5.23 26.68 -24.72
C LEU A 114 5.64 25.33 -25.30
N LEU A 115 6.93 24.97 -25.27
CA LEU A 115 7.28 23.57 -25.47
C LEU A 115 6.75 22.71 -24.33
N LEU A 116 6.78 23.23 -23.10
CA LEU A 116 6.18 22.54 -21.97
C LEU A 116 4.69 22.33 -22.19
N LYS A 117 3.99 23.38 -22.61
CA LYS A 117 2.56 23.26 -22.89
C LYS A 117 2.31 22.25 -24.00
N HIS A 118 3.15 22.24 -25.04
CA HIS A 118 3.00 21.27 -26.11
C HIS A 118 3.16 19.85 -25.58
N ASN A 119 4.25 19.56 -24.87
CA ASN A 119 4.46 18.23 -24.29
C ASN A 119 3.32 17.82 -23.38
N LEU A 120 2.81 18.77 -22.58
CA LEU A 120 1.62 18.53 -21.79
C LEU A 120 0.47 18.07 -22.66
N PHE A 121 0.27 18.73 -23.80
CA PHE A 121 -0.79 18.30 -24.72
C PHE A 121 -0.53 16.90 -25.23
N LEU A 122 0.70 16.61 -25.66
CA LEU A 122 1.07 15.27 -26.09
C LEU A 122 0.58 14.23 -25.10
N LEU A 123 1.03 14.35 -23.85
CA LEU A 123 0.75 13.30 -22.87
C LEU A 123 -0.73 13.27 -22.46
N ASP A 124 -1.36 14.45 -22.28
CA ASP A 124 -2.74 14.47 -21.78
C ASP A 124 -3.74 14.07 -22.85
N ASN A 125 -3.43 14.30 -24.13
CA ASN A 125 -4.39 14.06 -25.20
C ASN A 125 -4.10 12.85 -26.05
N ILE A 126 -2.91 12.25 -25.95
CA ILE A 126 -2.60 11.12 -26.81
C ILE A 126 -2.03 9.95 -26.01
N VAL A 127 -1.08 10.24 -25.13
CA VAL A 127 -0.27 9.19 -24.50
C VAL A 127 -1.07 8.42 -23.46
N LYS A 128 -1.49 9.12 -22.41
CA LYS A 128 -2.36 8.46 -21.43
C LYS A 128 -3.69 8.01 -22.04
N PRO A 129 -4.28 8.69 -23.02
CA PRO A 129 -5.47 8.12 -23.68
C PRO A 129 -5.21 6.86 -24.48
N ILE A 130 -4.08 6.71 -25.19
CA ILE A 130 -3.85 5.46 -25.90
C ILE A 130 -3.68 4.32 -24.91
N ILE A 131 -3.03 4.59 -23.77
CA ILE A 131 -2.95 3.57 -22.73
C ILE A 131 -4.34 3.22 -22.22
N ALA A 132 -5.10 4.23 -21.78
CA ALA A 132 -6.45 4.01 -21.26
C ALA A 132 -7.37 3.35 -22.28
N PHE A 133 -7.03 3.46 -23.57
CA PHE A 133 -7.75 2.73 -24.60
C PHE A 133 -7.38 1.25 -24.57
N TYR A 134 -6.09 0.94 -24.47
CA TYR A 134 -5.68 -0.46 -24.50
C TYR A 134 -5.70 -1.15 -23.13
N TYR A 135 -5.63 -0.41 -22.03
CA TYR A 135 -5.46 -1.02 -20.72
C TYR A 135 -6.37 -0.36 -19.68
N LYS A 136 -6.73 -1.16 -18.66
CA LYS A 136 -7.16 -0.58 -17.41
C LYS A 136 -6.05 -0.73 -16.37
N PRO A 137 -5.81 0.32 -15.59
CA PRO A 137 -4.95 0.18 -14.41
C PRO A 137 -5.75 -0.28 -13.21
N ILE A 138 -5.17 -1.15 -12.40
CA ILE A 138 -5.82 -1.57 -11.18
C ILE A 138 -4.84 -1.50 -10.02
N LYS A 139 -5.34 -1.09 -8.85
CA LYS A 139 -4.52 -1.02 -7.65
C LYS A 139 -4.43 -2.39 -7.01
N THR A 140 -3.20 -2.87 -6.83
CA THR A 140 -2.96 -4.15 -6.16
C THR A 140 -3.33 -4.08 -4.68
N LEU A 141 -3.40 -2.88 -4.12
CA LEU A 141 -3.53 -2.62 -2.69
C LEU A 141 -2.27 -3.05 -1.94
N ASN A 142 -1.29 -3.61 -2.64
CA ASN A 142 0.03 -3.87 -2.06
C ASN A 142 0.87 -2.62 -2.25
N GLY A 143 0.91 -1.77 -1.23
CA GLY A 143 1.46 -0.46 -1.45
C GLY A 143 0.68 0.25 -2.52
N HIS A 144 1.37 1.11 -3.25
CA HIS A 144 0.79 1.85 -4.35
C HIS A 144 1.00 1.18 -5.69
N GLU A 145 1.34 -0.12 -5.68
CA GLU A 145 1.52 -0.88 -6.91
C GLU A 145 0.28 -0.78 -7.78
N ILE A 146 0.49 -0.49 -9.06
CA ILE A 146 -0.55 -0.52 -10.07
C ILE A 146 -0.16 -1.56 -11.10
N LYS A 147 -1.04 -2.53 -11.32
CA LYS A 147 -0.85 -3.50 -12.39
C LYS A 147 -1.69 -3.09 -13.59
N PHE A 148 -1.11 -3.20 -14.76
CA PHE A 148 -1.80 -2.84 -16.00
C PHE A 148 -2.35 -4.10 -16.65
N ILE A 149 -3.66 -4.14 -16.80
CA ILE A 149 -4.36 -5.31 -17.32
C ILE A 149 -5.10 -4.88 -18.58
N ARG A 150 -4.92 -5.62 -19.66
CA ARG A 150 -5.55 -5.24 -20.93
C ARG A 150 -7.06 -5.21 -20.79
N LYS A 151 -7.67 -4.07 -21.15
CA LYS A 151 -9.08 -3.85 -20.87
C LYS A 151 -9.95 -4.93 -21.51
N GLU A 152 -9.49 -5.55 -22.58
CA GLU A 152 -10.27 -6.61 -23.22
C GLU A 152 -10.56 -7.76 -22.27
N GLU A 153 -9.51 -8.26 -21.60
CA GLU A 153 -9.69 -9.33 -20.63
C GLU A 153 -10.34 -8.84 -19.34
N TYR A 154 -10.08 -7.59 -18.94
CA TYR A 154 -10.65 -7.12 -17.68
C TYR A 154 -12.15 -6.89 -17.79
N ILE A 155 -12.62 -6.33 -18.91
CA ILE A 155 -14.06 -6.18 -19.10
C ILE A 155 -14.74 -7.53 -19.01
N SER A 156 -14.10 -8.56 -19.59
CA SER A 156 -14.63 -9.92 -19.48
C SER A 156 -14.70 -10.36 -18.02
N PHE A 157 -13.62 -10.15 -17.26
CA PHE A 157 -13.57 -10.59 -15.86
C PHE A 157 -14.63 -9.86 -15.03
N GLU A 158 -14.71 -8.53 -15.21
CA GLU A 158 -15.76 -7.71 -14.62
C GLU A 158 -17.14 -8.25 -14.98
N SER A 159 -17.32 -8.68 -16.23
CA SER A 159 -18.58 -9.23 -16.68
C SER A 159 -18.89 -10.55 -15.96
N LYS A 160 -17.88 -11.39 -15.72
CA LYS A 160 -18.14 -12.66 -15.06
C LYS A 160 -18.52 -12.46 -13.59
N VAL A 161 -17.92 -11.49 -12.90
CA VAL A 161 -18.35 -11.35 -11.51
C VAL A 161 -19.66 -10.57 -11.44
N PHE A 162 -19.93 -9.68 -12.39
CA PHE A 162 -21.27 -9.10 -12.48
C PHE A 162 -22.29 -10.20 -12.75
N HIS A 163 -21.90 -11.18 -13.56
CA HIS A 163 -22.65 -12.41 -13.70
C HIS A 163 -22.92 -13.04 -12.35
N LYS A 164 -21.88 -13.27 -11.56
CA LYS A 164 -22.08 -13.93 -10.28
C LYS A 164 -22.99 -13.12 -9.35
N LEU A 165 -22.94 -11.79 -9.46
CA LEU A 165 -23.69 -10.92 -8.55
C LEU A 165 -25.15 -10.74 -8.96
N LYS A 166 -25.48 -10.92 -10.24
CA LYS A 166 -26.89 -10.91 -10.63
C LYS A 166 -27.47 -12.31 -10.84
N LYS A 167 -26.62 -13.32 -11.09
CA LYS A 167 -27.02 -14.73 -11.09
C LYS A 167 -27.19 -15.25 -9.68
N MET A 168 -26.53 -14.62 -8.72
CA MET A 168 -26.93 -14.71 -7.33
C MET A 168 -27.95 -13.60 -7.12
N LYS A 169 -28.23 -13.28 -5.87
CA LYS A 169 -29.18 -12.22 -5.55
C LYS A 169 -28.49 -11.10 -4.77
N TYR A 170 -27.17 -11.01 -4.86
CA TYR A 170 -26.40 -10.01 -4.12
C TYR A 170 -26.56 -8.61 -4.69
N LEU A 171 -27.11 -8.47 -5.88
CA LEU A 171 -27.16 -7.16 -6.55
C LEU A 171 -28.44 -7.09 -7.36
N VAL A 172 -29.39 -6.27 -6.93
CA VAL A 172 -30.73 -6.24 -7.51
C VAL A 172 -31.00 -4.87 -8.11
N GLU A 173 -31.32 -4.81 -9.39
CA GLU A 173 -31.62 -3.52 -10.01
C GLU A 173 -32.86 -2.91 -9.35
N VAL A 174 -32.76 -1.66 -8.93
CA VAL A 174 -33.86 -1.02 -8.24
C VAL A 174 -34.56 -0.04 -9.18
N GLN A 175 -33.81 0.58 -10.07
CA GLN A 175 -34.30 1.61 -10.99
C GLN A 175 -35.30 2.54 -10.31
N ASP A 176 -34.82 3.19 -9.26
CA ASP A 176 -35.53 4.32 -8.66
C ASP A 176 -34.94 5.64 -9.12
N GLU A 177 -34.05 5.60 -10.12
CA GLU A 177 -33.14 6.68 -10.49
C GLU A 177 -32.75 7.39 -9.19
N VAL A 178 -32.45 6.59 -8.18
CA VAL A 178 -32.17 7.11 -6.86
C VAL A 178 -30.71 7.52 -6.78
N LYS A 179 -30.44 8.60 -6.05
CA LYS A 179 -29.08 8.98 -5.68
C LYS A 179 -28.32 7.75 -5.20
N PRO A 180 -27.33 7.26 -5.96
CA PRO A 180 -26.56 6.11 -5.47
C PRO A 180 -25.41 6.56 -4.59
N ARG A 181 -25.00 5.64 -3.71
CA ARG A 181 -23.90 5.95 -2.81
C ARG A 181 -22.60 6.23 -3.57
N GLY A 182 -22.36 5.50 -4.65
CA GLY A 182 -21.17 5.69 -5.42
C GLY A 182 -21.10 4.65 -6.53
N VAL A 183 -19.91 4.55 -7.11
CA VAL A 183 -19.69 3.67 -8.26
C VAL A 183 -19.12 2.35 -7.77
N LEU A 184 -19.68 1.24 -8.26
CA LEU A 184 -19.17 -0.08 -7.93
C LEU A 184 -17.96 -0.41 -8.77
N ASN A 185 -16.90 -0.87 -8.12
CA ASN A 185 -15.71 -1.34 -8.80
C ASN A 185 -15.46 -2.79 -8.46
N ILE A 186 -15.06 -3.56 -9.47
CA ILE A 186 -14.58 -4.92 -9.26
C ILE A 186 -13.07 -4.90 -9.33
N ILE A 187 -12.42 -5.51 -8.34
CA ILE A 187 -10.97 -5.50 -8.26
C ILE A 187 -10.48 -6.92 -8.06
N PRO A 188 -9.56 -7.41 -8.90
CA PRO A 188 -9.06 -8.78 -8.72
C PRO A 188 -8.45 -9.00 -7.35
N LYS A 189 -8.55 -10.21 -6.85
CA LYS A 189 -7.96 -10.60 -5.57
C LYS A 189 -6.73 -11.44 -5.88
N GLN A 190 -6.88 -12.74 -6.04
CA GLN A 190 -5.79 -13.61 -6.48
C GLN A 190 -6.30 -14.52 -7.59
N ASP A 191 -6.97 -15.60 -7.23
CA ASP A 191 -7.85 -16.31 -8.14
C ASP A 191 -9.29 -15.84 -7.98
N ASN A 192 -9.49 -14.73 -7.27
CA ASN A 192 -10.79 -14.30 -6.78
C ASN A 192 -11.02 -12.85 -7.13
N PHE A 193 -12.05 -12.23 -6.54
CA PHE A 193 -12.38 -10.84 -6.80
C PHE A 193 -12.71 -10.15 -5.48
N ARG A 194 -13.00 -8.85 -5.58
CA ARG A 194 -13.46 -8.08 -4.44
C ARG A 194 -14.29 -6.91 -4.98
N ALA A 195 -15.48 -6.72 -4.41
CA ALA A 195 -16.43 -5.72 -4.87
C ALA A 195 -16.41 -4.53 -3.92
N ILE A 196 -16.12 -3.35 -4.44
CA ILE A 196 -15.87 -2.16 -3.63
C ILE A 196 -16.76 -1.03 -4.10
N VAL A 197 -16.99 -0.08 -3.20
CA VAL A 197 -17.68 1.16 -3.52
C VAL A 197 -16.68 2.30 -3.52
N SER A 198 -16.73 3.14 -4.55
CA SER A 198 -16.06 4.43 -4.56
C SER A 198 -17.14 5.47 -4.27
N ILE A 199 -17.05 6.10 -3.10
CA ILE A 199 -18.02 7.08 -2.66
C ILE A 199 -17.88 8.34 -3.53
N PHE A 200 -19.02 8.91 -3.90
CA PHE A 200 -18.99 10.19 -4.60
C PHE A 200 -18.47 11.27 -3.66
N PRO A 201 -17.39 11.96 -4.02
CA PRO A 201 -16.88 13.03 -3.15
C PRO A 201 -17.88 14.16 -2.96
N ASP A 202 -18.81 13.96 -2.02
CA ASP A 202 -19.81 14.97 -1.66
C ASP A 202 -19.56 15.32 -0.19
N SER A 203 -18.63 16.24 0.03
CA SER A 203 -18.20 16.57 1.39
C SER A 203 -19.17 17.58 2.01
N ALA A 204 -20.38 17.09 2.28
CA ALA A 204 -21.29 17.70 3.22
C ALA A 204 -21.61 16.79 4.39
N ARG A 205 -21.49 15.48 4.21
CA ARG A 205 -21.76 14.49 5.24
C ARG A 205 -20.51 13.80 5.76
N LYS A 206 -19.31 14.18 5.30
CA LYS A 206 -18.10 13.51 5.76
C LYS A 206 -17.85 13.72 7.25
N PRO A 207 -17.94 14.95 7.80
CA PRO A 207 -17.87 15.09 9.27
C PRO A 207 -19.02 14.39 9.99
N PHE A 208 -20.19 14.26 9.35
CA PHE A 208 -21.30 13.53 9.97
C PHE A 208 -20.98 12.04 10.11
N PHE A 209 -20.53 11.42 9.02
CA PHE A 209 -20.11 10.03 9.07
C PHE A 209 -18.98 9.84 10.07
N LYS A 210 -18.08 10.82 10.20
CA LYS A 210 -17.00 10.71 11.18
C LYS A 210 -17.54 10.76 12.59
N LEU A 211 -18.49 11.67 12.86
CA LEU A 211 -19.17 11.71 14.14
C LEU A 211 -19.82 10.37 14.45
N LEU A 212 -20.38 9.72 13.44
CA LEU A 212 -21.11 8.48 13.65
C LEU A 212 -20.16 7.31 13.96
N THR A 213 -19.09 7.16 13.17
CA THR A 213 -18.09 6.15 13.48
C THR A 213 -17.48 6.39 14.86
N SER A 214 -17.22 7.65 15.21
CA SER A 214 -16.74 7.98 16.55
C SER A 214 -17.72 7.50 17.63
N LYS A 215 -19.00 7.83 17.46
CA LYS A 215 -19.99 7.48 18.46
C LYS A 215 -20.06 5.98 18.68
N ILE A 216 -20.13 5.20 17.59
CA ILE A 216 -20.31 3.77 17.83
C ILE A 216 -19.01 3.07 18.17
N TYR A 217 -17.84 3.71 17.95
CA TYR A 217 -16.62 3.16 18.54
C TYR A 217 -16.58 3.39 20.04
N LYS A 218 -17.09 4.54 20.50
CA LYS A 218 -17.25 4.72 21.95
C LYS A 218 -18.25 3.72 22.52
N VAL A 219 -19.32 3.44 21.77
CA VAL A 219 -20.26 2.40 22.15
C VAL A 219 -19.54 1.06 22.26
N LEU A 220 -18.68 0.76 21.29
CA LEU A 220 -17.89 -0.47 21.37
C LEU A 220 -17.09 -0.53 22.65
N GLU A 221 -16.36 0.54 22.98
CA GLU A 221 -15.50 0.50 24.15
C GLU A 221 -16.29 0.26 25.43
N GLU A 222 -17.34 1.05 25.68
CA GLU A 222 -18.00 0.91 26.97
C GLU A 222 -18.98 -0.28 26.98
N LYS A 223 -19.79 -0.44 25.93
CA LYS A 223 -20.72 -1.57 25.87
C LYS A 223 -19.96 -2.89 25.78
N TYR A 224 -19.21 -3.12 24.70
CA TYR A 224 -18.76 -4.48 24.43
C TYR A 224 -17.42 -4.80 25.11
N LYS A 225 -16.93 -6.01 24.85
CA LYS A 225 -15.80 -6.58 25.57
C LYS A 225 -14.54 -5.76 25.35
N THR A 226 -13.96 -5.27 26.45
CA THR A 226 -12.65 -4.65 26.41
C THR A 226 -11.82 -5.82 25.92
N SER A 227 -11.28 -5.72 24.72
CA SER A 227 -10.52 -6.82 24.14
C SER A 227 -9.04 -6.80 24.54
N GLY A 228 -8.75 -6.49 25.80
CA GLY A 228 -7.37 -6.46 26.28
C GLY A 228 -6.47 -5.58 25.46
N SER A 229 -5.40 -6.16 24.93
CA SER A 229 -4.47 -5.51 24.00
C SER A 229 -3.48 -6.56 23.52
N LEU A 230 -3.18 -6.60 22.22
CA LEU A 230 -2.48 -7.75 21.66
C LEU A 230 -1.14 -7.99 22.36
N TYR A 231 -0.35 -6.93 22.57
CA TYR A 231 0.94 -7.08 23.24
C TYR A 231 0.77 -7.61 24.65
N THR A 232 -0.21 -7.09 25.39
CA THR A 232 -0.45 -7.56 26.75
C THR A 232 -0.87 -9.02 26.77
N CYS A 233 -1.82 -9.39 25.91
CA CYS A 233 -2.32 -10.76 25.84
C CYS A 233 -1.18 -11.72 25.55
N TRP A 234 -0.39 -11.43 24.51
CA TRP A 234 0.71 -12.31 24.16
C TRP A 234 1.76 -12.35 25.26
N SER A 235 2.10 -11.19 25.83
CA SER A 235 3.08 -11.11 26.90
C SER A 235 2.70 -12.05 28.05
N GLU A 236 1.49 -11.86 28.58
CA GLU A 236 1.09 -12.60 29.77
C GLU A 236 0.84 -14.08 29.47
N PHE A 237 0.32 -14.38 28.28
CA PHE A 237 0.16 -15.79 27.91
C PHE A 237 1.49 -16.50 27.84
N THR A 238 2.46 -15.90 27.15
CA THR A 238 3.77 -16.55 27.01
C THR A 238 4.50 -16.63 28.35
N GLN A 239 4.28 -15.66 29.25
CA GLN A 239 4.90 -15.76 30.56
C GLN A 239 4.29 -16.89 31.38
N LYS A 240 2.96 -17.00 31.39
CA LYS A 240 2.33 -18.01 32.21
C LYS A 240 2.43 -19.42 31.63
N THR A 241 2.64 -19.54 30.31
CA THR A 241 2.60 -20.83 29.63
C THR A 241 4.02 -21.39 29.53
N GLN A 242 4.27 -22.49 30.25
CA GLN A 242 5.60 -23.09 30.28
C GLN A 242 5.84 -23.99 29.07
N GLY A 243 4.84 -24.80 28.69
CA GLY A 243 5.03 -25.88 27.75
C GLY A 243 4.96 -25.43 26.30
N GLN A 244 4.84 -26.43 25.41
CA GLN A 244 4.79 -26.14 23.98
C GLN A 244 3.44 -25.52 23.63
N ILE A 245 3.50 -24.47 22.83
CA ILE A 245 2.34 -23.66 22.54
C ILE A 245 1.71 -24.16 21.24
N TYR A 246 0.41 -24.44 21.29
CA TYR A 246 -0.36 -24.71 20.09
C TYR A 246 -1.22 -23.51 19.78
N GLY A 247 -1.40 -23.24 18.49
CA GLY A 247 -2.14 -22.07 18.09
C GLY A 247 -2.72 -22.24 16.71
N ILE A 248 -3.66 -21.36 16.39
CA ILE A 248 -4.29 -21.32 15.09
C ILE A 248 -4.72 -19.89 14.79
N LYS A 249 -4.57 -19.50 13.54
CA LYS A 249 -5.17 -18.27 13.04
C LYS A 249 -6.05 -18.61 11.86
N VAL A 250 -7.26 -18.04 11.87
CA VAL A 250 -8.22 -18.25 10.80
C VAL A 250 -8.77 -16.90 10.34
N ASP A 251 -9.12 -16.85 9.04
CA ASP A 251 -9.70 -15.68 8.40
C ASP A 251 -11.13 -16.00 8.01
N ILE A 252 -12.07 -15.18 8.45
CA ILE A 252 -13.49 -15.38 8.13
C ILE A 252 -13.70 -15.00 6.67
N ARG A 253 -14.39 -15.87 5.92
CA ARG A 253 -14.64 -15.56 4.51
C ARG A 253 -15.71 -14.47 4.39
N ASP A 254 -15.44 -13.51 3.51
CA ASP A 254 -16.35 -12.42 3.19
C ASP A 254 -16.99 -11.83 4.44
N ALA A 255 -16.16 -11.22 5.29
CA ALA A 255 -16.65 -10.68 6.55
C ALA A 255 -17.76 -9.66 6.32
N TYR A 256 -17.46 -8.61 5.56
CA TYR A 256 -18.44 -7.57 5.28
C TYR A 256 -19.70 -8.12 4.63
N GLY A 257 -19.55 -9.16 3.79
CA GLY A 257 -20.69 -9.71 3.09
C GLY A 257 -21.58 -10.59 3.94
N ASN A 258 -21.02 -11.25 4.95
CA ASN A 258 -21.77 -12.18 5.79
C ASN A 258 -22.27 -11.54 7.07
N VAL A 259 -22.14 -10.23 7.23
CA VAL A 259 -22.89 -9.52 8.24
C VAL A 259 -24.37 -9.59 7.88
N LYS A 260 -25.21 -9.99 8.84
CA LYS A 260 -26.63 -10.14 8.61
C LYS A 260 -27.32 -8.83 9.01
N ILE A 261 -27.79 -8.08 8.01
CA ILE A 261 -28.33 -6.75 8.27
C ILE A 261 -29.50 -6.78 9.24
N PRO A 262 -30.39 -7.79 9.25
CA PRO A 262 -31.36 -7.92 10.35
C PRO A 262 -30.74 -7.76 11.73
N VAL A 263 -29.78 -8.64 12.03
CA VAL A 263 -29.12 -8.64 13.33
C VAL A 263 -28.41 -7.32 13.57
N LEU A 264 -27.79 -6.77 12.53
CA LEU A 264 -27.06 -5.51 12.68
C LEU A 264 -28.00 -4.38 13.07
N CYS A 265 -29.11 -4.23 12.35
CA CYS A 265 -30.08 -3.20 12.66
C CYS A 265 -30.62 -3.36 14.08
N LYS A 266 -30.82 -4.62 14.51
CA LYS A 266 -31.22 -4.84 15.89
C LYS A 266 -30.19 -4.28 16.85
N LEU A 267 -28.91 -4.66 16.66
CA LEU A 267 -27.84 -4.18 17.54
C LEU A 267 -27.81 -2.67 17.58
N ILE A 268 -27.94 -2.03 16.41
CA ILE A 268 -27.96 -0.56 16.35
C ILE A 268 -29.10 -0.03 17.21
N GLN A 269 -30.29 -0.62 17.07
CA GLN A 269 -31.45 -0.10 17.80
C GLN A 269 -31.27 -0.29 19.31
N SER A 270 -30.54 -1.34 19.71
CA SER A 270 -30.40 -1.63 21.14
C SER A 270 -29.49 -0.66 21.87
N ILE A 271 -28.83 0.25 21.17
CA ILE A 271 -27.83 1.12 21.81
C ILE A 271 -28.55 2.17 22.64
N PRO A 272 -28.15 2.37 23.91
CA PRO A 272 -28.74 3.44 24.72
C PRO A 272 -28.75 4.78 23.97
N THR A 273 -29.80 5.55 24.18
CA THR A 273 -29.99 6.79 23.45
C THR A 273 -29.02 7.89 23.88
N HIS A 274 -28.46 7.79 25.09
CA HIS A 274 -27.44 8.76 25.48
C HIS A 274 -26.12 8.54 24.74
N LEU A 275 -26.00 7.45 23.98
CA LEU A 275 -24.82 7.18 23.19
C LEU A 275 -25.04 7.30 21.69
N LEU A 276 -26.26 7.10 21.21
CA LEU A 276 -26.58 7.26 19.80
C LEU A 276 -28.07 7.57 19.70
N ASP A 277 -28.41 8.83 19.43
CA ASP A 277 -29.80 9.25 19.56
C ASP A 277 -30.65 8.67 18.43
N SER A 278 -31.97 8.79 18.61
CA SER A 278 -32.93 8.12 17.73
C SER A 278 -32.69 8.48 16.27
N GLU A 279 -32.40 9.76 15.98
CA GLU A 279 -32.29 10.15 14.58
C GLU A 279 -31.15 9.46 13.87
N LYS A 280 -29.96 9.46 14.51
CA LYS A 280 -28.84 8.81 13.86
C LYS A 280 -28.97 7.29 13.89
N LYS A 281 -29.63 6.72 14.89
CA LYS A 281 -29.97 5.30 14.82
C LYS A 281 -30.77 4.99 13.56
N ASN A 282 -31.81 5.77 13.31
CA ASN A 282 -32.66 5.56 12.16
C ASN A 282 -31.91 5.84 10.85
N PHE A 283 -31.06 6.87 10.84
CA PHE A 283 -30.28 7.15 9.65
C PHE A 283 -29.34 6.00 9.32
N ILE A 284 -28.67 5.45 10.33
CA ILE A 284 -27.74 4.35 10.12
C ILE A 284 -28.48 3.11 9.61
N VAL A 285 -29.65 2.81 10.20
CA VAL A 285 -30.39 1.61 9.81
C VAL A 285 -30.90 1.75 8.37
N ASP A 286 -31.52 2.89 8.06
CA ASP A 286 -31.90 3.22 6.69
C ASP A 286 -30.69 3.14 5.76
N HIS A 287 -29.52 3.56 6.26
CA HIS A 287 -28.32 3.63 5.45
C HIS A 287 -27.81 2.25 5.06
N ILE A 288 -27.83 1.30 6.01
CA ILE A 288 -27.31 -0.03 5.71
C ILE A 288 -28.37 -0.94 5.09
N SER A 289 -29.65 -0.59 5.18
CA SER A 289 -30.65 -1.33 4.42
C SER A 289 -30.76 -0.82 2.99
N ASN A 290 -30.45 0.45 2.77
CA ASN A 290 -30.73 1.16 1.51
C ASN A 290 -29.47 1.47 0.71
N GLN A 291 -28.57 0.52 0.44
CA GLN A 291 -27.30 0.86 -0.18
C GLN A 291 -27.35 0.68 -1.70
N PHE A 292 -27.41 1.81 -2.43
CA PHE A 292 -27.49 1.83 -3.87
C PHE A 292 -26.16 2.27 -4.48
N VAL A 293 -25.74 1.60 -5.55
CA VAL A 293 -24.53 1.96 -6.27
C VAL A 293 -24.78 1.88 -7.77
N ALA A 294 -24.04 2.70 -8.51
CA ALA A 294 -24.10 2.70 -9.97
C ALA A 294 -23.01 1.79 -10.54
N PHE A 295 -23.39 0.97 -11.52
CA PHE A 295 -22.47 0.11 -12.23
C PHE A 295 -22.89 0.07 -13.68
N ARG A 296 -21.93 0.20 -14.59
CA ARG A 296 -22.21 0.59 -15.99
C ARG A 296 -23.05 1.86 -15.91
N ARG A 297 -24.31 1.85 -16.36
CA ARG A 297 -25.19 2.98 -16.06
C ARG A 297 -26.41 2.58 -15.23
N LYS A 298 -26.77 1.30 -15.22
CA LYS A 298 -27.91 0.87 -14.42
C LYS A 298 -27.58 0.88 -12.93
N ILE A 299 -28.59 1.21 -12.13
CA ILE A 299 -28.46 1.37 -10.69
C ILE A 299 -28.83 0.05 -10.02
N TYR A 300 -28.15 -0.28 -8.93
CA TYR A 300 -28.38 -1.55 -8.24
C TYR A 300 -28.35 -1.36 -6.74
N LYS A 301 -29.26 -2.03 -6.05
CA LYS A 301 -29.24 -2.16 -4.60
C LYS A 301 -28.39 -3.36 -4.20
N TRP A 302 -27.44 -3.12 -3.29
CA TRP A 302 -26.57 -4.15 -2.77
C TRP A 302 -27.26 -4.82 -1.57
N ASN A 303 -27.42 -6.13 -1.64
CA ASN A 303 -28.13 -6.91 -0.64
C ASN A 303 -27.22 -7.73 0.25
N HIS A 304 -25.95 -7.89 -0.11
CA HIS A 304 -25.06 -8.87 0.52
C HIS A 304 -24.23 -8.20 1.61
N GLY A 305 -24.74 -8.23 2.83
CA GLY A 305 -24.00 -7.73 3.97
C GLY A 305 -23.69 -6.24 3.89
N LEU A 306 -22.73 -5.82 4.71
CA LEU A 306 -22.12 -4.50 4.53
C LEU A 306 -21.28 -4.50 3.28
N LEU A 307 -21.25 -3.37 2.59
CA LEU A 307 -20.52 -3.27 1.34
C LEU A 307 -19.21 -2.52 1.56
N GLN A 308 -18.14 -3.09 1.04
CA GLN A 308 -16.80 -2.57 1.25
C GLN A 308 -16.64 -1.22 0.56
N GLY A 309 -15.77 -0.39 1.14
CA GLY A 309 -15.57 0.96 0.66
C GLY A 309 -16.52 1.99 1.22
N ASP A 310 -17.53 1.57 1.99
CA ASP A 310 -18.46 2.53 2.60
C ASP A 310 -17.93 3.01 3.95
N PRO A 311 -18.10 4.30 4.25
CA PRO A 311 -17.45 4.87 5.45
C PRO A 311 -17.81 4.22 6.77
N LEU A 312 -19.03 3.70 6.92
CA LEU A 312 -19.46 3.12 8.20
C LEU A 312 -19.21 1.63 8.28
N SER A 313 -18.77 1.00 7.20
CA SER A 313 -18.69 -0.46 7.14
C SER A 313 -17.77 -1.02 8.22
N GLY A 314 -16.61 -0.40 8.42
CA GLY A 314 -15.67 -0.93 9.40
C GLY A 314 -16.24 -0.92 10.81
N CYS A 315 -16.82 0.21 11.22
CA CYS A 315 -17.37 0.33 12.56
C CYS A 315 -18.58 -0.59 12.76
N LEU A 316 -19.45 -0.68 11.76
CA LEU A 316 -20.62 -1.56 11.93
C LEU A 316 -20.21 -3.03 11.89
N CYS A 317 -19.20 -3.38 11.10
CA CYS A 317 -18.71 -4.75 11.10
C CYS A 317 -18.10 -5.10 12.44
N GLU A 318 -17.38 -4.16 13.06
CA GLU A 318 -16.82 -4.45 14.37
C GLU A 318 -17.91 -4.56 15.44
N LEU A 319 -18.97 -3.75 15.33
CA LEU A 319 -20.11 -3.92 16.22
C LEU A 319 -20.70 -5.32 16.10
N TYR A 320 -21.00 -5.74 14.86
CA TYR A 320 -21.53 -7.07 14.60
C TYR A 320 -20.60 -8.17 15.13
N MET A 321 -19.29 -8.02 14.89
CA MET A 321 -18.33 -9.06 15.27
C MET A 321 -18.17 -9.14 16.78
N ALA A 322 -18.13 -8.00 17.46
CA ALA A 322 -18.09 -8.01 18.92
C ALA A 322 -19.32 -8.70 19.48
N PHE A 323 -20.48 -8.47 18.86
CA PHE A 323 -21.67 -9.19 19.27
C PHE A 323 -21.50 -10.70 19.09
N MET A 324 -20.98 -11.11 17.93
CA MET A 324 -20.78 -12.53 17.68
C MET A 324 -19.78 -13.14 18.66
N ASP A 325 -18.78 -12.36 19.07
CA ASP A 325 -17.81 -12.82 20.07
C ASP A 325 -18.48 -13.04 21.42
N ARG A 326 -19.33 -12.10 21.85
CA ARG A 326 -20.09 -12.29 23.08
C ARG A 326 -21.00 -13.51 22.98
N LEU A 327 -21.57 -13.75 21.80
CA LEU A 327 -22.55 -14.83 21.66
C LEU A 327 -21.89 -16.21 21.63
N TYR A 328 -20.75 -16.36 20.94
CA TYR A 328 -20.19 -17.68 20.68
C TYR A 328 -18.79 -17.92 21.24
N PHE A 329 -18.09 -16.89 21.71
CA PHE A 329 -16.68 -17.02 22.06
C PHE A 329 -16.42 -16.47 23.46
N SER A 330 -17.37 -16.67 24.37
CA SER A 330 -17.26 -16.20 25.73
C SER A 330 -16.75 -17.25 26.70
N ASN A 331 -16.84 -18.54 26.35
CA ASN A 331 -16.62 -19.64 27.28
C ASN A 331 -15.25 -20.31 27.12
N LEU A 332 -14.30 -19.64 26.46
CA LEU A 332 -12.99 -20.25 26.26
C LEU A 332 -12.09 -20.01 27.47
N ASP A 333 -11.13 -20.91 27.64
CA ASP A 333 -10.18 -20.91 28.74
C ASP A 333 -9.62 -19.52 29.01
N LYS A 334 -9.86 -19.01 30.22
CA LYS A 334 -9.35 -17.69 30.60
C LYS A 334 -7.84 -17.69 30.79
N ASP A 335 -7.20 -18.86 30.82
CA ASP A 335 -5.75 -18.97 30.81
C ASP A 335 -5.20 -19.27 29.41
N ALA A 336 -6.03 -19.13 28.38
CA ALA A 336 -5.63 -19.31 27.00
C ALA A 336 -5.61 -17.97 26.28
N PHE A 337 -4.89 -17.92 25.17
CA PHE A 337 -4.74 -16.70 24.39
C PHE A 337 -5.81 -16.65 23.30
N ILE A 338 -6.57 -15.56 23.25
CA ILE A 338 -7.47 -15.29 22.14
C ILE A 338 -7.37 -13.82 21.77
N HIS A 339 -7.31 -13.55 20.47
CA HIS A 339 -7.32 -12.17 19.98
C HIS A 339 -7.98 -12.11 18.61
N ARG A 340 -8.79 -11.06 18.41
CA ARG A 340 -9.41 -10.78 17.13
C ARG A 340 -9.11 -9.35 16.73
N THR A 341 -9.12 -9.10 15.41
CA THR A 341 -9.11 -7.75 14.89
C THR A 341 -10.41 -7.48 14.16
N VAL A 342 -10.50 -7.99 12.93
CA VAL A 342 -11.69 -7.83 12.10
C VAL A 342 -12.22 -9.22 11.77
N ASP A 343 -11.72 -9.82 10.69
CA ASP A 343 -12.10 -11.17 10.32
C ASP A 343 -11.09 -12.21 10.74
N ASP A 344 -10.06 -11.82 11.46
CA ASP A 344 -8.93 -12.69 11.78
C ASP A 344 -8.97 -13.02 13.27
N TYR A 345 -9.05 -14.31 13.56
CA TYR A 345 -8.97 -14.83 14.92
C TYR A 345 -7.62 -15.52 15.12
N PHE A 346 -7.09 -15.37 16.33
CA PHE A 346 -5.82 -15.95 16.75
C PHE A 346 -6.03 -16.58 18.12
N PHE A 347 -5.88 -17.91 18.19
CA PHE A 347 -6.13 -18.64 19.41
C PHE A 347 -4.92 -19.50 19.75
N CYS A 348 -4.64 -19.63 21.04
CA CYS A 348 -3.46 -20.35 21.50
C CYS A 348 -3.75 -21.00 22.86
N SER A 349 -3.20 -22.20 23.04
CA SER A 349 -3.34 -23.00 24.24
C SER A 349 -2.20 -23.99 24.28
N PRO A 350 -1.62 -24.25 25.47
CA PRO A 350 -0.75 -25.42 25.61
C PRO A 350 -1.47 -26.72 25.35
N HIS A 351 -2.81 -26.70 25.37
CA HIS A 351 -3.61 -27.91 25.19
C HIS A 351 -4.01 -28.05 23.72
N PRO A 352 -3.39 -29.00 22.98
CA PRO A 352 -3.72 -29.18 21.56
C PRO A 352 -5.21 -29.33 21.34
N HIS A 353 -5.84 -30.18 22.15
CA HIS A 353 -7.26 -30.44 22.01
C HIS A 353 -8.08 -29.16 22.12
N LYS A 354 -7.62 -28.22 22.95
CA LYS A 354 -8.33 -26.95 23.06
C LYS A 354 -8.17 -26.12 21.80
N VAL A 355 -6.98 -26.09 21.21
CA VAL A 355 -6.82 -25.39 19.94
C VAL A 355 -7.70 -26.04 18.86
N TYR A 356 -7.72 -27.37 18.83
CA TYR A 356 -8.56 -28.13 17.91
C TYR A 356 -10.03 -27.76 18.07
N ASP A 357 -10.50 -27.69 19.32
CA ASP A 357 -11.89 -27.34 19.60
C ASP A 357 -12.21 -25.92 19.16
N PHE A 358 -11.27 -24.99 19.38
CA PHE A 358 -11.51 -23.62 18.92
C PHE A 358 -11.71 -23.60 17.42
N GLU A 359 -10.88 -24.35 16.68
CA GLU A 359 -11.07 -24.39 15.23
C GLU A 359 -12.43 -24.95 14.87
N LEU A 360 -12.84 -26.05 15.52
CA LEU A 360 -14.15 -26.62 15.24
C LEU A 360 -15.26 -25.61 15.51
N LEU A 361 -15.17 -24.90 16.64
CA LEU A 361 -16.17 -23.92 17.02
C LEU A 361 -16.26 -22.80 16.00
N ILE A 362 -15.10 -22.29 15.59
CA ILE A 362 -15.06 -21.24 14.57
C ILE A 362 -15.70 -21.74 13.28
N LYS A 363 -15.33 -22.93 12.83
CA LYS A 363 -15.87 -23.45 11.58
C LYS A 363 -17.36 -23.73 11.68
N GLY A 364 -17.87 -23.92 12.89
CA GLY A 364 -19.30 -23.99 13.08
C GLY A 364 -19.98 -22.63 12.97
N VAL A 365 -19.36 -21.60 13.55
CA VAL A 365 -19.99 -20.28 13.55
C VAL A 365 -19.89 -19.62 12.18
N TYR A 366 -18.68 -19.54 11.64
CA TYR A 366 -18.41 -18.85 10.37
C TYR A 366 -17.96 -19.84 9.30
N GLN A 367 -17.98 -19.36 8.07
CA GLN A 367 -17.38 -20.04 6.93
C GLN A 367 -15.96 -19.50 6.78
N VAL A 368 -14.97 -20.28 7.24
CA VAL A 368 -13.58 -19.84 7.22
C VAL A 368 -12.99 -19.97 5.81
N ASN A 369 -11.87 -19.29 5.59
CA ASN A 369 -11.16 -19.32 4.32
C ASN A 369 -9.94 -20.23 4.45
N PRO A 370 -10.03 -21.50 4.02
CA PRO A 370 -8.98 -22.48 4.36
C PRO A 370 -7.57 -22.03 4.00
N THR A 371 -7.41 -21.48 2.80
CA THR A 371 -6.15 -20.93 2.30
C THR A 371 -5.37 -20.16 3.36
N LYS A 372 -6.06 -19.36 4.16
CA LYS A 372 -5.40 -18.43 5.07
C LYS A 372 -5.16 -19.00 6.47
N THR A 373 -5.51 -20.26 6.71
CA THR A 373 -5.36 -20.84 8.04
C THR A 373 -3.90 -21.16 8.31
N ARG A 374 -3.43 -20.79 9.51
CA ARG A 374 -2.05 -21.07 9.91
C ARG A 374 -2.04 -21.66 11.31
N THR A 375 -1.45 -22.85 11.46
CA THR A 375 -1.51 -23.53 12.74
C THR A 375 -0.47 -24.63 12.81
N ASN A 376 -0.08 -24.96 14.04
CA ASN A 376 0.69 -26.16 14.35
C ASN A 376 -0.18 -27.26 14.94
N LEU A 377 -1.45 -27.31 14.55
CA LEU A 377 -2.34 -28.39 14.97
C LEU A 377 -1.94 -29.67 14.26
N PRO A 378 -1.78 -30.78 14.97
CA PRO A 378 -1.42 -32.05 14.29
C PRO A 378 -2.45 -32.49 13.28
N THR A 379 -3.69 -32.01 13.40
CA THR A 379 -4.76 -32.39 12.48
C THR A 379 -4.52 -31.85 11.07
N HIS A 380 -3.59 -30.92 10.90
CA HIS A 380 -3.37 -30.25 9.61
C HIS A 380 -2.16 -30.84 8.90
N ARG A 381 -2.22 -30.87 7.58
CA ARG A 381 -1.22 -31.59 6.79
C ARG A 381 0.15 -30.95 6.87
N HIS A 382 0.21 -29.61 6.92
CA HIS A 382 1.46 -28.87 6.80
C HIS A 382 1.60 -27.89 7.97
N PRO A 383 1.95 -28.40 9.14
CA PRO A 383 2.01 -27.53 10.33
C PRO A 383 3.06 -26.42 10.18
N GLN A 384 2.63 -25.20 10.48
CA GLN A 384 3.52 -24.06 10.65
C GLN A 384 3.70 -23.79 12.13
N ASP A 385 4.84 -23.22 12.52
CA ASP A 385 4.99 -22.67 13.85
C ASP A 385 5.10 -21.15 13.85
N GLU A 386 5.49 -20.55 12.73
CA GLU A 386 5.40 -19.11 12.56
C GLU A 386 4.03 -18.80 11.97
N ILE A 387 3.20 -18.08 12.73
CA ILE A 387 1.87 -17.72 12.28
C ILE A 387 1.81 -16.19 12.14
N PRO A 388 1.40 -15.67 10.98
CA PRO A 388 1.31 -14.22 10.82
C PRO A 388 -0.04 -13.69 11.30
N TYR A 389 -0.01 -12.68 12.17
CA TYR A 389 -1.23 -12.05 12.66
C TYR A 389 -0.90 -10.61 12.99
N CYS A 390 -1.76 -9.69 12.54
CA CYS A 390 -1.60 -8.26 12.79
C CYS A 390 -0.25 -7.76 12.30
N GLY A 391 0.12 -8.15 11.09
CA GLY A 391 1.37 -7.72 10.50
C GLY A 391 2.59 -8.17 11.26
N LYS A 392 2.40 -9.02 12.26
CA LYS A 392 3.50 -9.61 12.98
C LYS A 392 3.55 -11.11 12.69
N ILE A 393 4.67 -11.72 13.05
CA ILE A 393 4.91 -13.15 12.86
C ILE A 393 5.23 -13.69 14.24
N PHE A 394 4.26 -14.39 14.83
CA PHE A 394 4.43 -14.97 16.16
C PHE A 394 4.98 -16.38 16.00
N ASN A 395 6.09 -16.67 16.66
CA ASN A 395 6.65 -18.02 16.69
C ASN A 395 6.03 -18.77 17.86
N LEU A 396 5.36 -19.89 17.55
CA LEU A 396 4.73 -20.64 18.63
C LEU A 396 5.75 -21.34 19.50
N THR A 397 6.86 -21.79 18.93
CA THR A 397 7.83 -22.55 19.73
C THR A 397 8.72 -21.62 20.54
N THR A 398 9.31 -20.62 19.90
CA THR A 398 10.24 -19.73 20.57
C THR A 398 9.56 -18.54 21.25
N ARG A 399 8.30 -18.27 20.92
CA ARG A 399 7.53 -17.14 21.42
C ARG A 399 8.08 -15.80 20.95
N GLN A 400 8.80 -15.79 19.82
CA GLN A 400 9.35 -14.57 19.26
C GLN A 400 8.35 -13.94 18.29
N VAL A 401 8.47 -12.61 18.14
CA VAL A 401 7.57 -11.82 17.29
C VAL A 401 8.43 -11.00 16.35
N ARG A 402 8.28 -11.23 15.06
CA ARG A 402 8.99 -10.49 14.04
C ARG A 402 8.06 -9.68 13.20
N THR A 403 8.53 -8.61 12.62
CA THR A 403 7.66 -7.81 11.76
C THR A 403 7.39 -8.59 10.48
N LEU A 404 6.14 -8.64 10.07
CA LEU A 404 5.81 -9.29 8.80
C LEU A 404 5.87 -8.27 7.68
N TYR A 405 6.56 -8.62 6.60
CA TYR A 405 6.74 -7.76 5.45
C TYR A 405 6.08 -8.41 4.24
N LYS A 406 5.12 -7.71 3.63
CA LYS A 406 4.43 -8.19 2.44
C LYS A 406 5.24 -7.81 1.21
N LEU A 407 6.07 -8.74 0.75
CA LEU A 407 6.92 -8.52 -0.41
C LEU A 407 6.92 -9.74 -1.29
N PRO A 408 5.95 -9.85 -2.21
CA PRO A 408 5.85 -11.02 -3.09
C PRO A 408 7.09 -11.19 -3.95
N PRO A 409 7.20 -12.32 -4.66
CA PRO A 409 8.29 -12.47 -5.64
C PRO A 409 8.25 -11.41 -6.72
N ASN A 410 9.40 -10.76 -6.94
CA ASN A 410 9.57 -9.78 -8.00
C ASN A 410 8.65 -8.57 -7.84
N TYR A 411 8.37 -8.21 -6.59
CA TYR A 411 7.64 -6.99 -6.29
C TYR A 411 8.60 -5.81 -6.28
N GLU A 412 8.27 -4.77 -7.04
CA GLU A 412 9.11 -3.59 -7.13
C GLU A 412 8.94 -2.76 -5.85
N ILE A 413 9.97 -2.74 -5.00
CA ILE A 413 9.85 -2.15 -3.67
C ILE A 413 9.42 -0.70 -3.72
N ARG A 414 9.79 0.02 -4.80
CA ARG A 414 9.42 1.42 -4.95
C ARG A 414 7.93 1.65 -4.85
N HIS A 415 7.12 0.59 -4.95
CA HIS A 415 5.66 0.73 -4.89
C HIS A 415 5.14 0.89 -3.47
N LYS A 416 5.98 0.73 -2.44
CA LYS A 416 5.50 0.92 -1.08
C LYS A 416 5.59 2.37 -0.62
N PHE A 417 6.34 3.22 -1.32
CA PHE A 417 6.72 4.52 -0.83
C PHE A 417 6.11 5.63 -1.67
N LYS A 418 5.40 6.55 -1.02
CA LYS A 418 4.68 7.64 -1.67
C LYS A 418 5.58 8.88 -1.64
N LEU A 419 6.53 8.93 -2.58
CA LEU A 419 7.53 9.98 -2.56
C LEU A 419 6.91 11.36 -2.80
N TRP A 420 5.86 11.44 -3.58
CA TRP A 420 5.25 12.70 -3.98
C TRP A 420 3.90 12.90 -3.30
N ASN A 421 3.57 14.15 -3.02
CA ASN A 421 2.24 14.53 -2.58
C ASN A 421 1.84 15.82 -3.28
N PHE A 422 0.67 15.79 -3.93
CA PHE A 422 0.23 16.93 -4.73
C PHE A 422 -0.08 18.15 -3.86
N ASN A 423 -0.61 17.93 -2.65
CA ASN A 423 -1.04 19.05 -1.83
C ASN A 423 0.15 19.86 -1.31
N ASN A 424 1.28 19.20 -1.06
CA ASN A 424 2.51 19.85 -0.60
C ASN A 424 3.56 19.51 -1.66
N GLN A 425 3.77 20.43 -2.60
CA GLN A 425 4.74 20.23 -3.64
C GLN A 425 6.11 20.77 -3.21
N ILE A 426 7.14 20.34 -3.95
CA ILE A 426 8.52 20.76 -3.67
C ILE A 426 9.20 21.06 -4.99
N SER A 427 9.68 22.29 -5.15
CA SER A 427 10.23 22.72 -6.43
C SER A 427 11.46 21.91 -6.81
N ASP A 428 11.77 21.94 -8.11
CA ASP A 428 12.82 21.10 -8.68
C ASP A 428 14.22 21.42 -8.15
N ASP A 429 14.42 22.61 -7.58
CA ASP A 429 15.76 23.02 -7.17
C ASP A 429 15.99 22.87 -5.67
N ASN A 430 15.28 21.96 -5.01
CA ASN A 430 15.48 21.67 -3.60
C ASN A 430 15.35 20.17 -3.35
N PRO A 431 16.39 19.40 -3.69
CA PRO A 431 16.34 17.95 -3.41
C PRO A 431 16.48 17.63 -1.93
N ALA A 432 17.03 18.54 -1.13
CA ALA A 432 17.31 18.25 0.27
C ALA A 432 16.00 18.05 1.05
N ARG A 433 15.07 18.99 0.92
CA ARG A 433 13.81 18.85 1.64
C ARG A 433 13.01 17.66 1.15
N PHE A 434 13.13 17.33 -0.15
CA PHE A 434 12.46 16.13 -0.66
C PHE A 434 13.00 14.88 0.01
N LEU A 435 14.32 14.70 0.00
CA LEU A 435 14.93 13.56 0.70
C LEU A 435 14.50 13.52 2.15
N GLN A 436 14.53 14.68 2.82
CA GLN A 436 14.16 14.76 4.23
C GLN A 436 12.74 14.24 4.44
N LYS A 437 11.77 14.82 3.74
CA LYS A 437 10.38 14.41 3.90
C LYS A 437 10.16 12.95 3.50
N ALA A 438 11.03 12.39 2.68
CA ALA A 438 10.98 10.95 2.43
C ALA A 438 11.56 10.14 3.58
N MET A 439 12.49 10.72 4.34
CA MET A 439 13.11 10.04 5.46
C MET A 439 12.39 10.29 6.78
N ASP A 440 11.21 10.90 6.75
CA ASP A 440 10.44 11.10 7.96
C ASP A 440 9.92 9.77 8.50
N PHE A 441 10.03 9.58 9.80
CA PHE A 441 9.91 8.33 10.54
C PHE A 441 8.53 7.64 10.55
N PRO A 442 7.42 8.36 10.34
CA PRO A 442 6.11 7.68 10.27
C PRO A 442 6.05 6.46 9.37
N PHE A 443 6.69 6.47 8.20
CA PHE A 443 6.52 5.38 7.25
C PHE A 443 7.06 4.06 7.78
N ILE A 444 7.90 4.10 8.82
CA ILE A 444 8.48 2.89 9.40
C ILE A 444 8.10 2.70 10.86
N CYS A 445 7.41 3.67 11.47
CA CYS A 445 7.05 3.55 12.88
C CYS A 445 6.33 2.25 13.23
N ASN A 446 5.59 1.66 12.29
CA ASN A 446 4.79 0.47 12.62
C ASN A 446 5.64 -0.79 12.80
N SER A 447 6.92 -0.77 12.42
CA SER A 447 7.87 -1.79 12.82
C SER A 447 8.82 -1.29 13.89
N PHE A 448 8.50 -0.17 14.53
CA PHE A 448 9.20 0.32 15.72
C PHE A 448 8.23 0.32 16.90
N THR A 449 7.87 -0.87 17.38
CA THR A 449 6.92 -0.95 18.47
C THR A 449 7.43 -1.88 19.57
N LYS A 450 6.67 -1.89 20.67
CA LYS A 450 6.96 -2.81 21.77
C LYS A 450 7.04 -4.25 21.27
N PHE A 451 6.23 -4.59 20.27
CA PHE A 451 6.26 -5.92 19.67
C PHE A 451 7.63 -6.27 19.12
N GLU A 452 8.35 -5.29 18.60
CA GLU A 452 9.67 -5.54 18.01
C GLU A 452 10.81 -5.35 18.99
N PHE A 453 10.68 -4.43 19.94
CA PHE A 453 11.82 -4.04 20.76
C PHE A 453 11.71 -4.48 22.21
N ASN A 454 10.65 -5.18 22.58
CA ASN A 454 10.58 -5.72 23.93
C ASN A 454 11.69 -6.75 24.13
N THR A 455 12.22 -6.78 25.35
CA THR A 455 13.01 -7.91 25.82
C THR A 455 12.27 -8.58 26.97
N VAL A 456 10.96 -8.76 26.78
CA VAL A 456 10.11 -9.46 27.74
C VAL A 456 9.92 -10.89 27.25
N PHE A 457 9.31 -11.06 26.08
CA PHE A 457 9.30 -12.38 25.46
C PHE A 457 10.36 -12.53 24.36
N ASN A 458 10.83 -11.45 23.77
CA ASN A 458 11.74 -11.55 22.62
C ASN A 458 13.21 -11.49 23.03
N ASP A 459 14.01 -12.34 22.42
CA ASP A 459 15.44 -12.39 22.67
C ASP A 459 16.13 -11.14 22.12
N GLN A 460 17.35 -10.90 22.63
CA GLN A 460 18.18 -9.82 22.10
C GLN A 460 18.43 -10.01 20.62
N ARG A 461 18.78 -11.25 20.23
CA ARG A 461 18.79 -11.70 18.85
C ARG A 461 17.63 -11.10 18.07
N THR A 462 16.41 -11.32 18.56
CA THR A 462 15.21 -10.96 17.82
C THR A 462 15.03 -9.44 17.76
N VAL A 463 15.31 -8.75 18.87
CA VAL A 463 15.19 -7.29 18.86
C VAL A 463 16.10 -6.68 17.81
N PHE A 464 17.35 -7.16 17.75
CA PHE A 464 18.29 -6.58 16.79
C PHE A 464 17.93 -6.94 15.36
N ALA A 465 17.48 -8.17 15.13
CA ALA A 465 16.99 -8.54 13.81
C ALA A 465 15.82 -7.66 13.37
N ASN A 466 14.92 -7.33 14.32
CA ASN A 466 13.81 -6.44 14.00
C ASN A 466 14.30 -5.06 13.59
N PHE A 467 15.26 -4.52 14.36
CA PHE A 467 15.79 -3.19 14.03
C PHE A 467 16.43 -3.18 12.64
N TYR A 468 17.29 -4.16 12.37
CA TYR A 468 17.95 -4.24 11.07
C TYR A 468 16.95 -4.42 9.93
N ASP A 469 15.90 -5.22 10.17
CA ASP A 469 14.89 -5.44 9.15
C ASP A 469 14.11 -4.16 8.85
N ALA A 470 13.87 -3.34 9.88
CA ALA A 470 13.22 -2.05 9.65
C ALA A 470 14.13 -1.12 8.85
N MET A 471 15.41 -1.03 9.25
CA MET A 471 16.33 -0.15 8.54
C MET A 471 16.57 -0.61 7.10
N ILE A 472 16.30 -1.88 6.77
CA ILE A 472 16.37 -2.28 5.36
C ILE A 472 15.26 -1.61 4.54
N CYS A 473 14.02 -1.69 5.04
CA CYS A 473 12.91 -0.95 4.44
C CYS A 473 13.25 0.52 4.30
N VAL A 474 13.88 1.08 5.33
CA VAL A 474 14.25 2.49 5.32
C VAL A 474 15.23 2.80 4.21
N ALA A 475 16.34 2.04 4.13
CA ALA A 475 17.34 2.26 3.11
C ALA A 475 16.77 2.06 1.71
N TYR A 476 15.83 1.13 1.55
CA TYR A 476 15.18 0.93 0.27
C TYR A 476 14.39 2.15 -0.16
N LYS A 477 13.65 2.76 0.77
CA LYS A 477 12.92 3.96 0.39
C LYS A 477 13.85 5.15 0.17
N PHE A 478 15.00 5.15 0.85
CA PHE A 478 16.04 6.14 0.58
C PHE A 478 16.55 6.02 -0.86
N ASP A 479 16.77 4.78 -1.30
CA ASP A 479 17.21 4.53 -2.68
C ASP A 479 16.12 4.90 -3.69
N ALA A 480 14.86 4.64 -3.34
CA ALA A 480 13.74 5.10 -4.17
C ALA A 480 13.77 6.61 -4.34
N ALA A 481 13.94 7.33 -3.23
CA ALA A 481 14.12 8.78 -3.28
C ALA A 481 15.25 9.16 -4.23
N MET A 482 16.40 8.51 -4.08
CA MET A 482 17.55 8.87 -4.93
C MET A 482 17.24 8.66 -6.41
N MET A 483 16.47 7.63 -6.73
CA MET A 483 16.03 7.44 -8.10
C MET A 483 15.19 8.62 -8.58
N ALA A 484 14.20 9.01 -7.76
CA ALA A 484 13.40 10.18 -8.10
C ALA A 484 14.26 11.41 -8.29
N LEU A 485 15.32 11.55 -7.48
CA LEU A 485 16.23 12.67 -7.60
C LEU A 485 16.94 12.65 -8.96
N ARG A 486 17.61 11.54 -9.26
CA ARG A 486 18.40 11.47 -10.48
C ARG A 486 17.55 11.56 -11.74
N THR A 487 16.25 11.25 -11.67
CA THR A 487 15.43 11.27 -12.88
C THR A 487 14.36 12.35 -12.91
N SER A 488 14.23 13.18 -11.87
CA SER A 488 13.29 14.29 -11.93
C SER A 488 13.97 15.56 -11.46
N PHE A 489 14.62 15.49 -10.30
CA PHE A 489 15.42 16.62 -9.82
C PHE A 489 16.68 16.81 -10.66
N LEU A 490 17.19 15.72 -11.25
CA LEU A 490 18.44 15.71 -12.00
C LEU A 490 19.53 16.46 -11.24
N VAL A 491 19.94 15.87 -10.13
CA VAL A 491 20.87 16.48 -9.18
C VAL A 491 22.28 16.83 -9.60
N ASN A 492 22.71 18.00 -9.16
CA ASN A 492 24.08 18.46 -9.43
C ASN A 492 25.17 18.10 -8.41
N ASP A 493 25.11 18.71 -7.23
CA ASP A 493 25.94 18.30 -6.10
C ASP A 493 25.14 17.47 -5.09
N PHE A 494 25.70 16.33 -4.68
CA PHE A 494 25.06 15.44 -3.72
C PHE A 494 25.56 15.68 -2.29
N GLY A 495 25.90 16.93 -1.97
CA GLY A 495 26.49 17.20 -0.66
C GLY A 495 25.52 17.07 0.49
N PHE A 496 24.24 17.27 0.24
CA PHE A 496 23.24 17.21 1.30
C PHE A 496 22.88 15.78 1.70
N ILE A 497 23.13 14.81 0.82
CA ILE A 497 22.68 13.45 1.11
C ILE A 497 23.53 12.84 2.23
N TRP A 498 24.82 13.18 2.31
CA TRP A 498 25.63 12.68 3.41
C TRP A 498 25.07 13.11 4.75
N LEU A 499 24.70 14.39 4.86
CA LEU A 499 24.12 14.93 6.09
C LEU A 499 22.77 14.31 6.39
N VAL A 500 21.89 14.25 5.38
CA VAL A 500 20.57 13.64 5.58
C VAL A 500 20.71 12.21 6.07
N LEU A 501 21.63 11.46 5.45
CA LEU A 501 21.80 10.04 5.77
C LEU A 501 22.33 9.85 7.18
N SER A 502 23.38 10.60 7.56
CA SER A 502 23.88 10.54 8.92
C SER A 502 22.78 10.86 9.92
N SER A 503 22.01 11.92 9.64
CA SER A 503 20.94 12.35 10.55
C SER A 503 19.92 11.24 10.74
N THR A 504 19.49 10.61 9.65
CA THR A 504 18.45 9.58 9.76
C THR A 504 18.97 8.36 10.50
N VAL A 505 20.19 7.92 10.19
CA VAL A 505 20.76 6.77 10.90
C VAL A 505 20.72 7.04 12.39
N ARG A 506 21.21 8.22 12.80
CA ARG A 506 21.36 8.51 14.23
C ARG A 506 19.99 8.66 14.91
N ALA A 507 19.01 9.27 14.20
CA ALA A 507 17.69 9.47 14.80
C ALA A 507 16.94 8.17 14.95
N TYR A 508 16.95 7.30 13.93
CA TYR A 508 16.28 6.02 14.05
C TYR A 508 16.96 5.13 15.10
N ALA A 509 18.30 5.20 15.18
CA ALA A 509 19.00 4.50 16.25
C ALA A 509 18.56 5.00 17.61
N SER A 510 18.35 6.31 17.75
CA SER A 510 17.93 6.87 19.04
C SER A 510 16.54 6.37 19.41
N ARG A 511 15.60 6.44 18.47
CA ARG A 511 14.26 5.91 18.74
C ARG A 511 14.31 4.44 19.13
N ALA A 512 15.13 3.65 18.45
CA ALA A 512 15.21 2.23 18.78
C ALA A 512 15.76 2.03 20.18
N PHE A 513 16.85 2.73 20.53
CA PHE A 513 17.40 2.65 21.88
C PHE A 513 16.34 2.98 22.93
N LYS A 514 15.57 4.05 22.69
CA LYS A 514 14.58 4.46 23.68
C LYS A 514 13.44 3.45 23.81
N LYS A 515 12.95 2.94 22.68
CA LYS A 515 11.92 1.90 22.73
C LYS A 515 12.41 0.67 23.49
N ILE A 516 13.64 0.23 23.19
CA ILE A 516 14.19 -0.95 23.85
C ILE A 516 14.32 -0.72 25.34
N VAL A 517 14.82 0.46 25.74
CA VAL A 517 14.90 0.79 27.15
C VAL A 517 13.51 0.80 27.78
N THR A 518 12.51 1.27 27.03
CA THR A 518 11.16 1.36 27.56
C THR A 518 10.57 -0.01 27.83
N TYR A 519 10.82 -0.99 26.95
CA TYR A 519 10.23 -2.31 27.14
C TYR A 519 11.29 -3.34 27.53
N LYS A 520 12.06 -3.02 28.56
CA LYS A 520 13.02 -3.94 29.14
C LYS A 520 12.28 -5.02 29.93
N GLY A 521 12.86 -6.22 29.94
CA GLY A 521 12.30 -7.33 30.67
C GLY A 521 13.36 -8.32 31.09
N GLY A 522 12.96 -9.59 31.18
CA GLY A 522 13.84 -10.62 31.70
C GLY A 522 14.92 -11.10 30.76
N LYS A 523 14.83 -10.78 29.48
CA LYS A 523 15.84 -11.21 28.52
C LYS A 523 16.69 -10.06 27.98
N TYR A 524 16.56 -8.86 28.55
CA TYR A 524 17.53 -7.80 28.30
C TYR A 524 18.90 -8.24 28.81
N ARG A 525 19.94 -7.99 28.01
CA ARG A 525 21.30 -8.23 28.45
C ARG A 525 22.13 -6.95 28.38
N LYS A 526 22.25 -6.33 27.21
CA LYS A 526 22.73 -4.95 27.07
C LYS A 526 22.61 -4.55 25.61
N VAL A 527 22.14 -3.33 25.37
CA VAL A 527 22.05 -2.76 24.03
C VAL A 527 22.77 -1.43 24.03
N THR A 528 23.39 -1.10 22.89
CA THR A 528 24.27 0.04 22.82
C THR A 528 23.99 0.88 21.57
N PHE A 529 24.20 2.20 21.69
CA PHE A 529 23.94 3.10 20.58
C PHE A 529 24.97 2.90 19.47
N GLN A 530 26.21 2.57 19.84
CA GLN A 530 27.19 2.21 18.82
C GLN A 530 26.70 1.03 17.98
N CYS A 531 26.17 0.01 18.66
CA CYS A 531 25.69 -1.19 17.97
C CYS A 531 24.48 -0.87 17.09
N LEU A 532 23.52 -0.12 17.62
CA LEU A 532 22.37 0.30 16.82
C LEU A 532 22.79 1.07 15.59
N LYS A 533 23.71 2.03 15.80
CA LYS A 533 24.17 2.87 14.70
C LYS A 533 24.81 2.05 13.60
N SER A 534 25.69 1.13 13.99
CA SER A 534 26.39 0.30 13.00
C SER A 534 25.45 -0.74 12.36
N ILE A 535 24.45 -1.22 13.09
CA ILE A 535 23.41 -2.05 12.49
C ILE A 535 22.75 -1.28 11.35
N ALA A 536 22.41 -0.01 11.61
CA ALA A 536 21.72 0.79 10.58
C ALA A 536 22.64 1.05 9.39
N TRP A 537 23.91 1.37 9.67
CA TRP A 537 24.87 1.59 8.59
C TRP A 537 25.01 0.33 7.72
N ARG A 538 25.15 -0.83 8.35
CA ARG A 538 25.22 -2.08 7.61
C ARG A 538 23.96 -2.30 6.78
N ALA A 539 22.81 -1.94 7.33
CA ALA A 539 21.57 -2.05 6.57
C ALA A 539 21.60 -1.17 5.33
N PHE A 540 22.17 0.02 5.43
CA PHE A 540 22.24 0.89 4.26
C PHE A 540 23.22 0.36 3.23
N LEU A 541 24.37 -0.16 3.68
CA LEU A 541 25.32 -0.75 2.74
C LEU A 541 24.73 -1.96 2.02
N ALA A 542 23.98 -2.79 2.76
CA ALA A 542 23.38 -3.98 2.16
C ALA A 542 22.51 -3.61 0.96
N VAL A 543 21.72 -2.55 1.10
CA VAL A 543 20.87 -2.11 -0.01
C VAL A 543 21.71 -1.49 -1.12
N LEU A 544 22.63 -0.59 -0.75
CA LEU A 544 23.32 0.17 -1.78
C LEU A 544 24.27 -0.68 -2.63
N LYS A 545 24.73 -1.83 -2.10
CA LYS A 545 25.64 -2.66 -2.90
C LYS A 545 24.94 -3.35 -4.08
N ARG A 546 23.60 -3.37 -4.11
CA ARG A 546 22.93 -3.88 -5.30
C ARG A 546 23.08 -2.94 -6.50
N ARG A 547 23.40 -1.68 -6.26
CA ARG A 547 23.83 -0.79 -7.33
C ARG A 547 25.14 -0.13 -6.92
N THR A 548 26.19 -0.94 -6.74
CA THR A 548 27.54 -0.44 -6.36
C THR A 548 28.39 0.04 -7.55
N GLU A 549 27.70 0.22 -8.66
CA GLU A 549 28.12 0.66 -9.97
C GLU A 549 27.48 2.07 -10.08
N ILE A 550 26.97 2.55 -8.94
CA ILE A 550 26.34 3.87 -8.85
C ILE A 550 26.92 4.35 -7.51
N TYR A 551 26.49 3.69 -6.44
CA TYR A 551 26.83 4.05 -5.07
C TYR A 551 28.21 3.69 -4.55
N LYS A 552 29.18 3.53 -5.44
CA LYS A 552 30.53 3.19 -5.00
C LYS A 552 31.11 4.30 -4.11
N GLY A 553 30.90 5.56 -4.50
CA GLY A 553 31.25 6.68 -3.64
C GLY A 553 30.69 6.58 -2.23
N LEU A 554 29.37 6.47 -2.11
CA LEU A 554 28.73 6.45 -0.79
C LEU A 554 29.14 5.22 0.01
N ILE A 555 29.11 4.05 -0.64
CA ILE A 555 29.54 2.79 -0.06
C ILE A 555 30.89 3.01 0.61
N ASP A 556 31.89 3.39 -0.19
CA ASP A 556 33.24 3.51 0.33
C ASP A 556 33.36 4.63 1.37
N ARG A 557 32.57 5.70 1.24
CA ARG A 557 32.60 6.75 2.25
C ARG A 557 32.22 6.22 3.62
N ILE A 558 31.11 5.47 3.68
CA ILE A 558 30.64 4.99 4.97
C ILE A 558 31.59 3.91 5.52
N LYS A 559 32.10 3.03 4.65
CA LYS A 559 33.06 2.04 5.14
C LYS A 559 34.35 2.70 5.63
N SER A 560 34.72 3.85 5.06
CA SER A 560 35.97 4.50 5.45
C SER A 560 35.81 5.30 6.74
N ARG A 561 34.70 6.02 6.88
CA ARG A 561 34.57 6.99 7.96
C ARG A 561 33.56 6.59 9.01
N GLU A 562 33.04 5.36 8.98
CA GLU A 562 32.07 4.96 9.99
C GLU A 562 32.49 3.68 10.70
N LYS A 563 31.92 3.51 11.87
CA LYS A 563 32.13 2.35 12.74
C LYS A 563 31.03 1.33 12.43
N LEU A 564 31.44 0.17 11.91
CA LEU A 564 30.52 -0.92 11.63
C LEU A 564 30.81 -2.16 12.44
N THR A 565 31.94 -2.19 13.17
CA THR A 565 32.29 -3.34 14.00
C THR A 565 31.11 -3.76 14.84
N MET A 566 30.78 -5.04 14.77
CA MET A 566 29.58 -5.57 15.39
C MET A 566 29.97 -6.38 16.61
N LYS A 567 29.89 -5.75 17.78
CA LYS A 567 30.12 -6.39 19.06
C LYS A 567 28.85 -6.31 19.88
N PHE A 568 28.36 -7.47 20.31
CA PHE A 568 27.27 -7.56 21.26
C PHE A 568 27.82 -8.00 22.60
N HIS A 569 27.08 -7.67 23.66
CA HIS A 569 27.31 -8.28 24.96
C HIS A 569 26.42 -9.50 25.12
N ASP A 570 26.58 -10.40 24.16
CA ASP A 570 25.82 -11.62 24.10
C ASP A 570 26.61 -12.52 23.17
N GLY A 571 26.43 -13.82 23.32
CA GLY A 571 27.16 -14.76 22.51
C GLY A 571 26.07 -15.47 21.73
N GLU A 572 24.81 -15.05 21.87
CA GLU A 572 23.68 -15.75 21.29
C GLU A 572 23.34 -15.29 19.88
N VAL A 573 23.66 -14.04 19.54
CA VAL A 573 23.09 -13.37 18.39
C VAL A 573 24.03 -13.52 17.20
N ASP A 574 23.55 -14.22 16.16
CA ASP A 574 24.34 -14.41 14.95
C ASP A 574 24.49 -13.10 14.20
N ALA A 575 25.74 -12.71 13.93
CA ALA A 575 26.02 -11.47 13.22
C ALA A 575 26.14 -11.64 11.71
N SER A 576 26.31 -12.87 11.22
CA SER A 576 26.34 -13.10 9.78
C SER A 576 25.08 -12.60 9.10
N TYR A 577 23.95 -12.61 9.81
CA TYR A 577 22.70 -12.12 9.26
C TYR A 577 22.68 -10.60 9.09
N PHE A 578 23.51 -9.88 9.83
CA PHE A 578 23.53 -8.42 9.77
C PHE A 578 24.51 -7.89 8.75
N CYS A 579 24.83 -8.69 7.73
CA CYS A 579 25.89 -8.36 6.80
C CYS A 579 25.43 -8.64 5.38
N LYS A 580 24.60 -9.65 5.24
CA LYS A 580 23.89 -9.91 3.99
C LYS A 580 22.57 -9.16 3.98
N LEU A 581 21.91 -9.17 2.84
CA LEU A 581 20.53 -8.75 2.79
C LEU A 581 19.67 -9.87 3.37
N PRO A 582 18.72 -9.57 4.26
CA PRO A 582 17.82 -10.62 4.74
C PRO A 582 17.08 -11.29 3.60
N GLU A 583 16.73 -12.56 3.82
CA GLU A 583 16.18 -13.42 2.78
C GLU A 583 14.88 -12.87 2.19
N LYS A 584 14.22 -11.93 2.86
CA LYS A 584 12.96 -11.37 2.40
C LYS A 584 13.14 -10.15 1.52
N PHE A 585 14.35 -9.59 1.46
CA PHE A 585 14.59 -8.35 0.74
C PHE A 585 15.48 -8.49 -0.48
N ARG A 586 16.25 -9.57 -0.60
CA ARG A 586 17.29 -9.63 -1.63
C ARG A 586 16.75 -9.95 -3.02
N PHE A 587 15.44 -10.19 -3.20
CA PHE A 587 14.90 -10.41 -4.54
C PHE A 587 13.81 -9.42 -4.93
N VAL A 588 13.61 -8.34 -4.18
CA VAL A 588 12.63 -7.34 -4.61
C VAL A 588 13.19 -6.55 -5.77
N LYS A 589 12.36 -6.33 -6.78
CA LYS A 589 12.83 -5.72 -8.02
C LYS A 589 13.11 -4.23 -7.82
N ILE A 590 14.28 -3.79 -8.26
CA ILE A 590 14.72 -2.42 -8.08
C ILE A 590 14.90 -1.68 -9.40
N ASN A 591 14.66 -2.34 -10.54
CA ASN A 591 14.78 -1.73 -11.85
C ASN A 591 13.39 -1.48 -12.43
N ARG A 592 13.19 -0.29 -12.99
CA ARG A 592 11.88 0.23 -13.36
C ARG A 592 11.77 0.27 -14.88
N LYS A 593 11.52 -0.89 -15.48
CA LYS A 593 11.54 -1.05 -16.93
C LYS A 593 10.15 -1.43 -17.43
N ALA A 594 9.66 -0.67 -18.40
CA ALA A 594 8.31 -0.86 -18.95
C ALA A 594 7.98 -2.29 -19.32
N SER A 595 7.09 -2.92 -18.56
CA SER A 595 6.68 -4.27 -18.85
C SER A 595 5.67 -4.46 -20.00
N ILE A 596 4.43 -4.13 -19.70
CA ILE A 596 3.37 -4.18 -20.72
C ILE A 596 2.69 -2.83 -20.91
#